data_7V7X
#
_entry.id   7V7X
#
_cell.length_a   140.311
_cell.length_b   140.311
_cell.length_c   48.322
_cell.angle_alpha   90.000
_cell.angle_beta   90.000
_cell.angle_gamma   120.000
#
_symmetry.space_group_name_H-M   'P 32 2 1'
#
loop_
_entity.id
_entity.type
_entity.pdbx_description
1 polymer AdaV
2 non-polymer "2'-DEOXYADENOSINE-5'-MONOPHOSPHATE"
3 water water
#
_entity_poly.entity_id   1
_entity_poly.type   'polypeptide(L)'
_entity_poly.pdbx_seq_one_letter_code
;MGSSHHHHHHSSGLVPRGSHMDVPLMELSGRAPVVRLHDIEADMAAATDAIRSQLTGWGFMAAEVPGIGERVEAMMNEFA
AACRATGPSLSDYAYDVVPQLAVGGTHGFFPYNSEIPRLANGVPDPKEFIHVSGAMIGDQPPGAGDVLRAFPAFGTRAAE
VFDIAFRLISLFGEVVRGMMPPGTPELDLSHDATNLRVIHYRDVGDREVLAHEASGIQMLGLQLPPSDQGLQYVLHDGTW
VEPVIAGTDVVLCNIGRMLTSASDGRFRPSTHRVHTKPMPAGYERLSSVLFAYPQHKARQWKMVDGELMSLNATWGDFID
SRFQGLGKQS
;
_entity_poly.pdbx_strand_id   A
#
# COMPACT_ATOMS: atom_id res chain seq x y z
N VAL A 23 4.97 -17.94 16.35
CA VAL A 23 4.82 -17.70 14.89
C VAL A 23 6.22 -17.57 14.26
N PRO A 24 6.60 -18.46 13.34
CA PRO A 24 7.90 -18.40 12.71
C PRO A 24 8.26 -17.05 12.09
N LEU A 25 9.52 -16.64 12.23
CA LEU A 25 9.99 -15.36 11.66
C LEU A 25 10.52 -15.62 10.25
N MET A 26 10.30 -14.68 9.33
CA MET A 26 10.73 -14.87 7.92
C MET A 26 11.76 -13.80 7.56
N GLU A 27 13.06 -14.16 7.56
CA GLU A 27 14.16 -13.22 7.23
C GLU A 27 14.01 -12.84 5.77
N LEU A 28 14.21 -11.58 5.43
CA LEU A 28 14.05 -11.13 4.02
C LEU A 28 15.27 -10.30 3.61
N SER A 29 15.78 -9.40 4.48
CA SER A 29 16.95 -8.56 4.10
C SER A 29 18.12 -9.52 3.88
N GLY A 30 18.80 -9.39 2.74
CA GLY A 30 19.82 -10.36 2.32
C GLY A 30 19.28 -11.31 1.30
N ARG A 31 17.98 -11.61 1.32
CA ARG A 31 17.36 -12.69 0.50
C ARG A 31 16.45 -12.15 -0.62
N ALA A 32 15.65 -11.12 -0.39
CA ALA A 32 14.72 -10.60 -1.43
C ALA A 32 15.51 -9.98 -2.57
N PRO A 33 14.95 -9.92 -3.79
CA PRO A 33 15.60 -9.20 -4.87
C PRO A 33 15.94 -7.82 -4.31
N VAL A 34 17.05 -7.26 -4.78
CA VAL A 34 17.48 -5.88 -4.44
C VAL A 34 17.10 -4.99 -5.62
N VAL A 35 16.45 -3.86 -5.30
CA VAL A 35 15.94 -2.87 -6.28
C VAL A 35 16.41 -1.49 -5.80
N ARG A 36 17.22 -0.81 -6.60
CA ARG A 36 17.93 0.43 -6.18
C ARG A 36 17.07 1.64 -6.54
N LEU A 37 17.10 2.68 -5.71
CA LEU A 37 16.27 3.90 -5.95
C LEU A 37 16.54 4.47 -7.35
N HIS A 38 17.79 4.45 -7.80
CA HIS A 38 18.16 5.10 -9.10
C HIS A 38 18.04 4.11 -10.27
N ASP A 39 17.49 2.91 -10.08
CA ASP A 39 17.53 1.81 -11.10
C ASP A 39 16.25 0.95 -11.07
N ILE A 40 15.13 1.55 -10.71
CA ILE A 40 13.90 0.80 -10.35
C ILE A 40 13.39 0.01 -11.56
N GLU A 41 13.28 0.62 -12.72
CA GLU A 41 12.69 -0.04 -13.93
C GLU A 41 13.56 -1.26 -14.28
N ALA A 42 14.88 -1.08 -14.34
CA ALA A 42 15.85 -2.15 -14.65
C ALA A 42 15.84 -3.22 -13.56
N ASP A 43 16.07 -2.81 -12.31
CA ASP A 43 16.20 -3.75 -11.17
C ASP A 43 14.91 -4.56 -10.97
N MET A 44 13.74 -4.02 -11.33
CA MET A 44 12.46 -4.75 -11.17
C MET A 44 12.32 -5.77 -12.29
N ALA A 45 12.66 -5.44 -13.53
CA ALA A 45 12.72 -6.37 -14.68
C ALA A 45 13.56 -7.60 -14.29
N ALA A 46 14.69 -7.39 -13.62
CA ALA A 46 15.65 -8.45 -13.27
C ALA A 46 15.13 -9.25 -12.07
N ALA A 47 14.07 -8.78 -11.41
CA ALA A 47 13.51 -9.46 -10.22
C ALA A 47 12.19 -10.16 -10.58
N THR A 48 11.71 -9.99 -11.80
CA THR A 48 10.45 -10.61 -12.27
C THR A 48 10.37 -12.07 -11.79
N ASP A 49 11.36 -12.91 -12.13
CA ASP A 49 11.36 -14.37 -11.86
C ASP A 49 11.19 -14.60 -10.35
N ALA A 50 12.02 -13.95 -9.54
CA ALA A 50 11.97 -14.06 -8.06
C ALA A 50 10.57 -13.72 -7.53
N ILE A 51 10.03 -12.59 -7.99
CA ILE A 51 8.76 -11.99 -7.50
C ILE A 51 7.60 -12.97 -7.81
N ARG A 52 7.54 -13.46 -9.05
CA ARG A 52 6.55 -14.50 -9.49
C ARG A 52 6.59 -15.67 -8.51
N SER A 53 7.79 -16.15 -8.20
CA SER A 53 7.94 -17.35 -7.36
C SER A 53 7.47 -17.00 -5.94
N GLN A 54 7.64 -15.76 -5.49
CA GLN A 54 7.10 -15.32 -4.17
C GLN A 54 5.56 -15.40 -4.17
N LEU A 55 4.93 -14.84 -5.20
CA LEU A 55 3.45 -14.79 -5.24
C LEU A 55 2.94 -16.23 -5.21
N THR A 56 3.50 -17.09 -6.06
CA THR A 56 3.26 -18.56 -6.14
C THR A 56 3.57 -19.24 -4.79
N GLY A 57 4.72 -18.98 -4.19
CA GLY A 57 5.17 -19.68 -2.98
C GLY A 57 4.50 -19.15 -1.73
N TRP A 58 4.41 -17.82 -1.56
CA TRP A 58 3.80 -17.14 -0.39
C TRP A 58 2.48 -16.47 -0.80
N GLY A 59 1.77 -15.86 0.13
CA GLY A 59 0.62 -15.02 -0.30
C GLY A 59 0.98 -13.77 -1.10
N PHE A 60 2.25 -13.38 -1.09
CA PHE A 60 2.68 -11.97 -1.24
C PHE A 60 4.12 -11.92 -1.76
N MET A 61 4.62 -10.70 -1.94
CA MET A 61 5.89 -10.46 -2.65
C MET A 61 6.75 -9.49 -1.82
N ALA A 62 8.03 -9.43 -2.10
CA ALA A 62 9.01 -8.70 -1.28
C ALA A 62 10.20 -8.24 -2.15
N ALA A 63 10.79 -7.10 -1.81
CA ALA A 63 11.92 -6.51 -2.54
C ALA A 63 12.69 -5.68 -1.52
N GLU A 64 14.02 -5.72 -1.58
CA GLU A 64 14.87 -4.86 -0.72
C GLU A 64 15.25 -3.60 -1.52
N VAL A 65 14.96 -2.44 -0.96
CA VAL A 65 15.16 -1.12 -1.62
C VAL A 65 16.08 -0.29 -0.75
N PRO A 66 17.40 -0.33 -1.05
CA PRO A 66 18.39 0.27 -0.15
C PRO A 66 18.18 1.78 -0.08
N GLY A 67 18.01 2.30 1.14
CA GLY A 67 17.72 3.71 1.46
C GLY A 67 16.27 3.97 1.83
N ILE A 68 15.34 3.05 1.53
CA ILE A 68 13.89 3.27 1.82
C ILE A 68 13.70 3.36 3.34
N GLY A 69 14.41 2.55 4.11
CA GLY A 69 14.26 2.53 5.58
C GLY A 69 14.38 3.92 6.16
N GLU A 70 15.46 4.64 5.84
CA GLU A 70 15.80 5.95 6.44
C GLU A 70 14.65 6.93 6.12
N ARG A 71 14.18 6.93 4.87
CA ARG A 71 13.13 7.88 4.41
C ARG A 71 11.82 7.57 5.12
N VAL A 72 11.50 6.30 5.27
CA VAL A 72 10.23 5.90 5.89
C VAL A 72 10.29 6.17 7.38
N GLU A 73 11.39 5.89 8.07
CA GLU A 73 11.52 6.17 9.53
C GLU A 73 11.39 7.69 9.77
N ALA A 74 12.01 8.52 8.93
CA ALA A 74 12.01 9.99 9.12
C ALA A 74 10.60 10.52 8.91
N MET A 75 9.93 10.04 7.86
CA MET A 75 8.49 10.37 7.62
C MET A 75 7.67 10.00 8.85
N MET A 76 7.80 8.76 9.31
CA MET A 76 6.93 8.27 10.39
C MET A 76 7.22 9.07 11.67
N ASN A 77 8.50 9.36 11.94
CA ASN A 77 8.87 10.11 13.16
C ASN A 77 8.24 11.49 13.09
N GLU A 78 8.31 12.15 11.92
CA GLU A 78 7.74 13.51 11.75
C GLU A 78 6.21 13.45 11.83
N PHE A 79 5.59 12.35 11.37
CA PHE A 79 4.12 12.16 11.53
C PHE A 79 3.77 12.12 13.03
N ALA A 80 4.54 11.39 13.82
CA ALA A 80 4.29 11.27 15.27
C ALA A 80 4.32 12.66 15.91
N ALA A 81 5.36 13.44 15.60
CA ALA A 81 5.55 14.80 16.16
C ALA A 81 4.31 15.61 15.85
N ALA A 82 3.90 15.61 14.58
CA ALA A 82 2.74 16.36 14.08
C ALA A 82 1.46 15.94 14.81
N CYS A 83 1.32 14.64 15.10
CA CYS A 83 0.18 14.10 15.90
C CYS A 83 0.12 14.81 17.25
N ARG A 84 1.22 15.29 17.82
CA ARG A 84 1.12 15.90 19.17
C ARG A 84 1.18 17.42 19.07
N ALA A 85 1.29 17.95 17.85
CA ALA A 85 1.39 19.41 17.64
C ALA A 85 0.02 20.08 17.70
N THR A 86 -0.02 21.33 18.11
CA THR A 86 -1.30 22.04 18.30
C THR A 86 -1.21 23.47 17.79
N GLY A 87 -0.14 23.86 17.10
CA GLY A 87 -0.18 25.20 16.47
C GLY A 87 -1.21 25.00 15.41
N SER A 89 -3.15 22.04 14.11
CA SER A 89 -3.28 20.62 14.57
C SER A 89 -3.58 19.78 13.34
N LEU A 90 -3.21 18.50 13.36
CA LEU A 90 -3.58 17.63 12.20
C LEU A 90 -5.09 17.56 12.06
N SER A 91 -5.82 17.61 13.16
CA SER A 91 -7.29 17.43 13.12
C SER A 91 -7.92 18.67 12.46
N ASP A 92 -7.16 19.72 12.23
CA ASP A 92 -7.59 20.86 11.38
C ASP A 92 -7.80 20.38 9.95
N TYR A 93 -7.25 19.21 9.60
CA TYR A 93 -7.31 18.59 8.24
C TYR A 93 -7.87 17.17 8.36
N ALA A 94 -8.82 17.00 9.27
CA ALA A 94 -9.62 15.76 9.31
C ALA A 94 -10.42 15.67 8.00
N TYR A 95 -10.57 14.44 7.50
CA TYR A 95 -11.18 14.12 6.20
C TYR A 95 -12.42 14.98 5.95
N ASP A 96 -13.26 15.16 6.96
CA ASP A 96 -14.55 15.89 6.84
C ASP A 96 -14.36 17.40 6.66
N VAL A 97 -13.18 17.98 6.84
CA VAL A 97 -12.97 19.43 6.55
C VAL A 97 -11.96 19.62 5.42
N VAL A 98 -11.54 18.56 4.73
CA VAL A 98 -10.62 18.71 3.56
C VAL A 98 -11.47 18.57 2.30
N PRO A 99 -11.23 19.38 1.26
CA PRO A 99 -11.91 19.17 -0.01
C PRO A 99 -11.58 17.78 -0.57
N GLN A 100 -12.63 17.01 -0.88
CA GLN A 100 -12.55 15.67 -1.51
C GLN A 100 -12.73 15.86 -3.02
N LEU A 101 -12.60 14.80 -3.80
CA LEU A 101 -12.98 14.79 -5.23
C LEU A 101 -14.43 14.31 -5.32
N ALA A 102 -15.15 14.68 -6.39
CA ALA A 102 -16.60 14.46 -6.55
C ALA A 102 -16.87 12.97 -6.30
N VAL A 103 -16.42 12.12 -7.22
CA VAL A 103 -16.27 10.65 -7.01
C VAL A 103 -14.83 10.45 -6.54
N GLY A 104 -14.61 9.45 -5.68
CA GLY A 104 -13.28 9.09 -5.15
C GLY A 104 -13.33 8.68 -3.68
N GLY A 105 -12.20 8.25 -3.13
CA GLY A 105 -12.04 7.95 -1.69
C GLY A 105 -11.84 9.24 -0.90
N THR A 106 -11.48 9.11 0.36
CA THR A 106 -11.48 10.21 1.32
C THR A 106 -10.06 10.28 1.88
N HIS A 107 -9.39 11.38 1.54
CA HIS A 107 -8.03 11.77 2.00
C HIS A 107 -8.13 12.73 3.19
N GLY A 108 -7.00 12.95 3.86
CA GLY A 108 -6.94 13.76 5.08
C GLY A 108 -6.70 12.89 6.31
N PHE A 109 -6.81 13.53 7.48
CA PHE A 109 -6.50 12.96 8.80
C PHE A 109 -7.75 12.33 9.40
N PHE A 110 -7.54 11.17 10.00
CA PHE A 110 -8.67 10.45 10.62
C PHE A 110 -8.36 10.42 12.12
N PRO A 111 -8.99 11.28 12.93
CA PRO A 111 -8.67 11.34 14.36
C PRO A 111 -8.91 10.04 15.14
N TYR A 112 -8.35 9.94 16.34
CA TYR A 112 -8.43 8.69 17.15
C TYR A 112 -9.86 8.22 17.41
N ASN A 113 -10.61 8.90 18.26
CA ASN A 113 -11.96 8.40 18.62
C ASN A 113 -12.78 8.17 17.35
N PRO A 126 -6.24 0.58 13.43
CA PRO A 126 -5.63 1.88 13.14
C PRO A 126 -6.11 2.90 14.19
N LYS A 127 -5.21 3.51 14.96
CA LYS A 127 -5.67 4.42 16.03
C LYS A 127 -5.77 5.86 15.52
N GLU A 128 -4.65 6.53 15.20
CA GLU A 128 -4.73 7.89 14.58
C GLU A 128 -4.86 7.73 13.06
N PHE A 129 -3.82 7.95 12.26
CA PHE A 129 -3.82 7.69 10.79
C PHE A 129 -4.14 8.87 9.86
N ILE A 130 -3.38 8.99 8.78
CA ILE A 130 -3.65 10.02 7.73
C ILE A 130 -3.67 9.30 6.38
N HIS A 131 -4.40 9.84 5.41
CA HIS A 131 -4.44 9.28 4.04
C HIS A 131 -3.94 10.36 3.09
N VAL A 132 -2.74 10.19 2.54
CA VAL A 132 -2.16 11.19 1.60
C VAL A 132 -2.36 10.69 0.17
N SER A 133 -3.32 11.26 -0.54
CA SER A 133 -3.60 10.85 -1.93
C SER A 133 -2.69 11.58 -2.90
N GLY A 134 -2.67 11.16 -4.16
CA GLY A 134 -1.86 11.88 -5.17
C GLY A 134 -2.55 13.16 -5.52
N ALA A 135 -3.86 13.20 -5.39
CA ALA A 135 -4.61 14.45 -5.58
C ALA A 135 -4.17 15.44 -4.51
N MET A 136 -4.11 15.01 -3.26
CA MET A 136 -3.66 15.89 -2.14
C MET A 136 -2.27 16.45 -2.45
N ILE A 137 -1.36 15.62 -2.97
CA ILE A 137 0.02 16.07 -3.32
C ILE A 137 -0.07 17.18 -4.37
N GLY A 138 -0.98 17.05 -5.33
CA GLY A 138 -1.08 18.05 -6.40
C GLY A 138 -2.15 19.09 -6.15
N ASP A 139 -2.62 19.23 -4.91
CA ASP A 139 -3.72 20.18 -4.55
C ASP A 139 -4.82 20.02 -5.60
N GLN A 140 -5.12 18.80 -5.99
CA GLN A 140 -6.09 18.59 -7.10
C GLN A 140 -7.43 19.16 -6.67
N PRO A 141 -8.00 18.83 -5.50
CA PRO A 141 -9.18 19.57 -5.04
C PRO A 141 -8.49 20.75 -4.35
N PRO A 142 -8.38 21.96 -4.95
CA PRO A 142 -7.60 23.05 -4.35
C PRO A 142 -7.87 23.30 -2.87
N GLY A 143 -6.85 23.12 -2.02
CA GLY A 143 -7.02 23.23 -0.56
C GLY A 143 -6.76 21.89 0.10
N ALA A 144 -6.55 20.86 -0.70
CA ALA A 144 -6.34 19.50 -0.17
C ALA A 144 -4.89 19.32 0.27
N GLY A 145 -3.98 20.07 -0.31
CA GLY A 145 -2.56 19.99 0.08
C GLY A 145 -2.22 20.92 1.20
N ASP A 146 -3.22 21.46 1.90
CA ASP A 146 -2.99 22.45 2.97
C ASP A 146 -2.38 21.78 4.20
N VAL A 147 -2.63 20.48 4.40
CA VAL A 147 -2.00 19.73 5.52
C VAL A 147 -0.52 19.58 5.23
N LEU A 148 -0.16 19.42 3.96
CA LEU A 148 1.26 19.22 3.59
C LEU A 148 1.96 20.57 3.60
N ARG A 149 1.21 21.65 3.71
CA ARG A 149 1.79 23.01 3.81
C ARG A 149 1.84 23.40 5.28
N ALA A 150 0.95 22.82 6.10
CA ALA A 150 0.95 23.08 7.55
C ALA A 150 2.04 22.24 8.20
N PHE A 151 2.24 21.04 7.68
CA PHE A 151 3.33 20.16 8.17
C PHE A 151 4.19 19.83 6.96
N PRO A 152 5.03 20.76 6.47
CA PRO A 152 5.80 20.55 5.25
C PRO A 152 6.97 19.58 5.28
N ALA A 153 7.51 19.28 6.45
CA ALA A 153 8.60 18.30 6.55
C ALA A 153 8.04 16.88 6.39
N PHE A 154 6.95 16.56 7.08
CA PHE A 154 6.30 15.25 6.87
C PHE A 154 5.79 15.19 5.44
N GLY A 155 5.23 16.28 4.94
CA GLY A 155 4.66 16.32 3.59
C GLY A 155 5.67 16.06 2.50
N THR A 156 6.86 16.66 2.61
CA THR A 156 7.93 16.43 1.61
C THR A 156 8.33 14.96 1.66
N ARG A 157 8.48 14.40 2.85
CA ARG A 157 8.90 12.98 3.00
C ARG A 157 7.78 12.05 2.55
N ALA A 158 6.53 12.42 2.79
CA ALA A 158 5.38 11.57 2.41
C ALA A 158 5.19 11.61 0.90
N ALA A 159 5.44 12.76 0.28
CA ALA A 159 5.36 12.86 -1.19
C ALA A 159 6.47 12.05 -1.82
N GLU A 160 7.67 12.06 -1.22
CA GLU A 160 8.81 11.28 -1.74
C GLU A 160 8.48 9.79 -1.62
N VAL A 161 8.01 9.38 -0.46
CA VAL A 161 7.69 7.93 -0.21
C VAL A 161 6.56 7.51 -1.15
N PHE A 162 5.55 8.34 -1.35
CA PHE A 162 4.44 8.03 -2.30
C PHE A 162 4.99 7.79 -3.69
N ASP A 163 5.88 8.65 -4.15
CA ASP A 163 6.38 8.56 -5.55
C ASP A 163 7.21 7.29 -5.75
N ILE A 164 8.06 6.95 -4.80
CA ILE A 164 8.87 5.71 -4.91
C ILE A 164 7.93 4.51 -4.84
N ALA A 165 6.99 4.52 -3.89
CA ALA A 165 6.09 3.38 -3.69
C ALA A 165 5.15 3.15 -4.88
N PHE A 166 4.73 4.22 -5.56
CA PHE A 166 3.83 4.09 -6.72
C PHE A 166 4.59 3.49 -7.89
N ARG A 167 5.82 3.93 -8.08
CA ARG A 167 6.67 3.38 -9.15
C ARG A 167 6.87 1.89 -8.88
N LEU A 168 7.25 1.56 -7.65
CA LEU A 168 7.48 0.15 -7.25
C LEU A 168 6.21 -0.69 -7.43
N ILE A 169 5.04 -0.20 -6.99
CA ILE A 169 3.78 -0.98 -7.01
C ILE A 169 3.29 -1.20 -8.43
N SER A 170 3.60 -0.29 -9.34
CA SER A 170 3.07 -0.39 -10.71
C SER A 170 3.88 -1.42 -11.47
N LEU A 171 5.15 -1.55 -11.10
CA LEU A 171 6.03 -2.55 -11.75
C LEU A 171 5.76 -3.91 -11.10
N PHE A 172 5.35 -3.92 -9.84
CA PHE A 172 4.96 -5.18 -9.17
C PHE A 172 3.68 -5.68 -9.82
N GLY A 173 2.83 -4.77 -10.26
CA GLY A 173 1.54 -5.14 -10.90
C GLY A 173 1.75 -5.61 -12.31
N GLU A 174 2.79 -5.12 -12.98
CA GLU A 174 3.10 -5.60 -14.34
C GLU A 174 3.62 -7.04 -14.24
N VAL A 175 4.27 -7.37 -13.13
CA VAL A 175 4.72 -8.77 -12.90
C VAL A 175 3.47 -9.66 -12.75
N VAL A 176 2.53 -9.26 -11.91
CA VAL A 176 1.28 -10.05 -11.70
C VAL A 176 0.52 -10.18 -13.02
N ARG A 177 0.44 -9.11 -13.80
CA ARG A 177 -0.26 -9.12 -15.10
C ARG A 177 0.40 -10.13 -16.03
N GLY A 178 1.73 -10.27 -15.95
CA GLY A 178 2.47 -11.19 -16.82
C GLY A 178 2.35 -12.62 -16.39
N MET A 179 1.89 -12.85 -15.17
CA MET A 179 1.64 -14.23 -14.72
C MET A 179 0.22 -14.57 -15.15
N MET A 180 -0.56 -13.57 -15.54
CA MET A 180 -1.98 -13.77 -15.90
C MET A 180 -2.12 -14.04 -17.40
N PRO A 181 -3.21 -14.68 -17.86
CA PRO A 181 -3.41 -15.01 -19.26
C PRO A 181 -3.16 -13.93 -20.30
N PRO A 182 -2.72 -14.28 -21.53
CA PRO A 182 -2.57 -13.31 -22.60
C PRO A 182 -3.90 -12.58 -22.86
N GLY A 183 -3.84 -11.27 -23.02
CA GLY A 183 -5.07 -10.49 -23.20
C GLY A 183 -5.41 -9.76 -21.92
N THR A 184 -4.77 -10.13 -20.81
CA THR A 184 -5.01 -9.43 -19.52
C THR A 184 -4.72 -7.95 -19.71
N PRO A 185 -5.69 -7.06 -19.45
CA PRO A 185 -5.48 -5.64 -19.64
C PRO A 185 -4.52 -5.03 -18.63
N GLU A 186 -4.13 -3.78 -18.86
CA GLU A 186 -3.26 -3.08 -17.88
C GLU A 186 -4.10 -2.77 -16.65
N LEU A 187 -3.46 -2.75 -15.47
CA LEU A 187 -4.21 -2.54 -14.21
C LEU A 187 -4.72 -1.10 -14.16
N ASP A 188 -3.99 -0.17 -14.76
CA ASP A 188 -4.40 1.26 -14.82
C ASP A 188 -4.56 1.81 -13.41
N LEU A 189 -3.52 1.72 -12.60
CA LEU A 189 -3.55 2.27 -11.22
C LEU A 189 -3.51 3.79 -11.30
N SER A 190 -4.41 4.48 -10.59
CA SER A 190 -4.49 5.95 -10.65
C SER A 190 -3.64 6.58 -9.55
N HIS A 191 -2.85 7.58 -9.89
CA HIS A 191 -1.99 8.30 -8.92
C HIS A 191 -2.86 9.09 -7.96
N ASP A 192 -3.93 9.69 -8.47
CA ASP A 192 -4.82 10.56 -7.66
C ASP A 192 -5.69 9.72 -6.73
N ALA A 193 -5.94 8.46 -7.06
CA ALA A 193 -6.81 7.58 -6.25
C ALA A 193 -5.98 6.73 -5.28
N THR A 194 -4.66 6.72 -5.47
CA THR A 194 -3.77 5.93 -4.60
C THR A 194 -3.53 6.73 -3.33
N ASN A 195 -3.43 6.06 -2.17
CA ASN A 195 -3.31 6.75 -0.88
C ASN A 195 -2.14 6.19 -0.08
N LEU A 196 -1.38 7.05 0.58
CA LEU A 196 -0.33 6.58 1.51
C LEU A 196 -0.94 6.71 2.90
N ARG A 197 -1.20 5.59 3.55
CA ARG A 197 -1.71 5.65 4.92
C ARG A 197 -0.53 5.62 5.89
N VAL A 198 -0.45 6.58 6.80
CA VAL A 198 0.60 6.58 7.87
C VAL A 198 -0.17 6.48 9.18
N ILE A 199 0.11 5.46 10.00
CA ILE A 199 -0.69 5.22 11.24
C ILE A 199 0.14 5.46 12.50
N HIS A 200 -0.51 5.97 13.55
CA HIS A 200 0.15 6.10 14.87
C HIS A 200 -0.60 5.20 15.86
N TYR A 201 0.11 4.53 16.77
CA TYR A 201 -0.47 3.61 17.78
C TYR A 201 -1.00 2.34 17.10
N ARG A 202 -0.36 1.90 16.01
CA ARG A 202 -0.71 0.62 15.34
C ARG A 202 0.34 0.36 14.26
N ARG A 207 -3.67 -5.39 26.16
CA ARG A 207 -3.23 -4.70 24.92
C ARG A 207 -2.29 -5.63 24.13
N GLU A 208 -2.84 -6.47 23.23
CA GLU A 208 -2.14 -7.60 22.54
C GLU A 208 -2.38 -7.57 21.01
N VAL A 209 -3.61 -7.82 20.55
CA VAL A 209 -3.98 -7.91 19.09
C VAL A 209 -4.38 -6.51 18.57
N LEU A 210 -3.56 -5.91 17.69
CA LEU A 210 -3.76 -4.56 17.07
C LEU A 210 -4.47 -4.64 15.71
N ALA A 211 -4.67 -5.86 15.18
CA ALA A 211 -5.50 -6.15 13.99
C ALA A 211 -6.04 -7.58 14.08
N HIS A 212 -7.26 -7.77 13.62
CA HIS A 212 -7.83 -9.10 13.34
C HIS A 212 -7.53 -9.33 11.87
N GLU A 213 -7.59 -10.56 11.39
CA GLU A 213 -7.04 -10.87 10.05
C GLU A 213 -7.82 -10.06 9.00
N ALA A 214 -7.11 -9.47 8.03
CA ALA A 214 -7.63 -8.45 7.09
C ALA A 214 -6.89 -8.54 5.75
N SER A 215 -7.54 -8.11 4.68
CA SER A 215 -6.91 -7.83 3.38
C SER A 215 -7.41 -6.49 2.81
N GLY A 216 -6.78 -5.96 1.75
CA GLY A 216 -7.18 -4.71 1.10
C GLY A 216 -8.38 -4.86 0.18
N ILE A 217 -9.19 -3.81 0.09
CA ILE A 217 -10.26 -3.71 -0.94
C ILE A 217 -9.63 -3.55 -2.34
N GLN A 218 -8.44 -2.94 -2.42
CA GLN A 218 -7.96 -2.28 -3.66
C GLN A 218 -7.12 -3.28 -4.49
N MET A 219 -6.55 -2.84 -5.61
CA MET A 219 -5.73 -3.69 -6.50
C MET A 219 -4.53 -4.27 -5.74
N LEU A 220 -3.63 -3.40 -5.25
CA LEU A 220 -2.38 -3.78 -4.53
C LEU A 220 -2.11 -2.83 -3.36
N GLY A 221 -1.43 -3.34 -2.35
CA GLY A 221 -0.82 -2.56 -1.27
C GLY A 221 0.71 -2.72 -1.25
N LEU A 222 1.44 -1.67 -0.86
CA LEU A 222 2.88 -1.78 -0.56
C LEU A 222 3.09 -1.54 0.92
N GLN A 223 3.46 -2.58 1.64
CA GLN A 223 3.82 -2.40 3.04
C GLN A 223 5.25 -1.80 3.08
N LEU A 224 5.39 -0.73 3.85
CA LEU A 224 6.69 -0.06 4.05
C LEU A 224 7.19 -0.46 5.44
N PRO A 225 8.52 -0.54 5.59
CA PRO A 225 9.15 -1.00 6.82
C PRO A 225 8.62 -0.23 8.02
N PRO A 226 7.91 -0.92 8.91
CA PRO A 226 7.33 -0.28 10.09
C PRO A 226 8.34 -0.07 11.20
N SER A 227 7.91 0.61 12.27
CA SER A 227 8.71 0.87 13.48
C SER A 227 8.95 -0.45 14.22
N ASP A 228 7.92 -1.27 14.40
CA ASP A 228 7.98 -2.48 15.27
C ASP A 228 7.56 -3.73 14.50
N GLN A 229 8.01 -4.88 15.00
CA GLN A 229 7.68 -6.20 14.42
C GLN A 229 6.25 -6.50 14.87
N GLY A 230 5.57 -7.41 14.18
CA GLY A 230 4.24 -7.83 14.61
C GLY A 230 3.34 -8.17 13.44
N LEU A 231 3.54 -7.49 12.32
CA LEU A 231 2.76 -7.74 11.12
C LEU A 231 3.12 -9.14 10.73
N GLN A 232 2.12 -9.99 10.48
CA GLN A 232 2.26 -11.42 10.06
C GLN A 232 1.31 -11.69 8.90
N TYR A 233 1.67 -12.67 8.10
CA TYR A 233 0.98 -13.08 6.87
C TYR A 233 0.63 -14.56 7.05
N VAL A 234 -0.49 -14.98 6.45
CA VAL A 234 -0.88 -16.40 6.35
C VAL A 234 -0.30 -16.94 5.05
N LEU A 235 0.31 -18.12 5.11
CA LEU A 235 0.81 -18.86 3.92
C LEU A 235 -0.32 -19.73 3.34
N HIS A 236 -0.12 -20.26 2.14
CA HIS A 236 -1.05 -21.16 1.41
C HIS A 236 -1.39 -22.40 2.27
N ASP A 237 -0.47 -22.88 3.10
CA ASP A 237 -0.71 -24.03 4.00
C ASP A 237 -1.60 -23.60 5.19
N GLY A 238 -2.08 -22.37 5.23
CA GLY A 238 -2.87 -21.88 6.38
C GLY A 238 -2.05 -21.66 7.64
N THR A 239 -0.71 -21.54 7.57
CA THR A 239 0.10 -21.15 8.75
C THR A 239 0.62 -19.72 8.59
N TRP A 240 0.96 -19.11 9.74
CA TRP A 240 1.44 -17.72 9.92
C TRP A 240 2.97 -17.65 9.94
N VAL A 241 3.50 -16.60 9.32
CA VAL A 241 4.93 -16.19 9.42
C VAL A 241 4.92 -14.72 9.83
N GLU A 242 5.99 -14.26 10.46
CA GLU A 242 6.18 -12.82 10.79
C GLU A 242 7.39 -12.33 9.99
N PRO A 243 7.20 -11.66 8.84
CA PRO A 243 8.30 -11.03 8.11
C PRO A 243 9.17 -10.20 9.05
N VAL A 244 10.47 -10.30 8.86
CA VAL A 244 11.43 -9.42 9.59
C VAL A 244 11.64 -8.18 8.71
N ILE A 245 10.98 -7.08 9.07
CA ILE A 245 10.88 -5.89 8.19
C ILE A 245 11.11 -4.63 9.02
N ALA A 246 10.74 -4.60 10.30
CA ALA A 246 11.00 -3.48 11.22
C ALA A 246 12.46 -3.08 11.11
N GLY A 247 12.71 -1.80 10.87
CA GLY A 247 14.04 -1.19 10.79
C GLY A 247 14.84 -1.77 9.65
N THR A 248 14.22 -2.10 8.51
CA THR A 248 14.91 -2.66 7.32
C THR A 248 14.60 -1.80 6.10
N ASP A 249 15.11 -2.21 4.95
CA ASP A 249 14.86 -1.59 3.63
C ASP A 249 13.92 -2.50 2.80
N VAL A 250 13.18 -3.39 3.47
CA VAL A 250 12.32 -4.37 2.77
C VAL A 250 10.90 -3.82 2.70
N VAL A 251 10.32 -3.86 1.50
CA VAL A 251 8.89 -3.56 1.23
C VAL A 251 8.20 -4.89 0.89
N LEU A 252 6.97 -5.10 1.37
CA LEU A 252 6.08 -6.20 0.89
C LEU A 252 5.02 -5.63 -0.07
N CYS A 253 4.73 -6.36 -1.12
CA CYS A 253 3.57 -6.05 -1.97
C CYS A 253 2.42 -7.05 -1.69
N ASN A 254 1.20 -6.54 -1.54
CA ASN A 254 0.00 -7.26 -1.08
C ASN A 254 -0.98 -7.35 -2.24
N ILE A 255 -1.49 -8.54 -2.51
CA ILE A 255 -2.66 -8.69 -3.41
C ILE A 255 -3.92 -8.17 -2.68
N GLY A 256 -4.67 -7.32 -3.35
CA GLY A 256 -5.93 -6.76 -2.81
C GLY A 256 -7.11 -7.39 -3.52
N ARG A 257 -8.29 -7.25 -2.93
CA ARG A 257 -9.49 -8.02 -3.37
C ARG A 257 -9.90 -7.60 -4.79
N MET A 258 -9.59 -6.39 -5.24
CA MET A 258 -9.88 -5.99 -6.64
C MET A 258 -9.13 -6.90 -7.62
N LEU A 259 -7.93 -7.33 -7.25
CA LEU A 259 -7.05 -8.05 -8.19
C LEU A 259 -7.49 -9.52 -8.20
N THR A 260 -7.77 -10.06 -7.00
CA THR A 260 -8.44 -11.35 -6.79
C THR A 260 -9.67 -11.44 -7.71
N SER A 261 -10.49 -10.40 -7.72
CA SER A 261 -11.69 -10.34 -8.59
C SER A 261 -11.24 -10.34 -10.06
N ALA A 262 -10.34 -9.44 -10.48
CA ALA A 262 -9.93 -9.30 -11.91
C ALA A 262 -9.22 -10.57 -12.39
N SER A 263 -8.44 -11.23 -11.53
CA SER A 263 -7.77 -12.53 -11.81
C SER A 263 -8.73 -13.70 -11.53
N ASP A 264 -10.02 -13.41 -11.43
CA ASP A 264 -11.13 -14.37 -11.21
C ASP A 264 -10.74 -15.49 -10.22
N GLY A 265 -10.07 -15.17 -9.11
CA GLY A 265 -9.75 -16.14 -8.06
C GLY A 265 -8.30 -16.56 -8.08
N ARG A 266 -7.56 -16.39 -9.18
CA ARG A 266 -6.23 -17.06 -9.21
C ARG A 266 -5.27 -16.47 -8.15
N PHE A 267 -5.39 -15.20 -7.77
CA PHE A 267 -4.53 -14.62 -6.70
C PHE A 267 -5.39 -14.23 -5.50
N ARG A 268 -5.27 -15.00 -4.42
CA ARG A 268 -6.01 -14.71 -3.16
C ARG A 268 -5.43 -13.41 -2.60
N PRO A 269 -6.21 -12.66 -1.80
CA PRO A 269 -5.68 -11.50 -1.11
C PRO A 269 -4.54 -11.89 -0.18
N SER A 270 -3.54 -11.02 -0.05
CA SER A 270 -2.39 -11.24 0.87
C SER A 270 -2.84 -10.94 2.29
N THR A 271 -3.74 -11.77 2.79
CA THR A 271 -4.35 -11.67 4.13
C THR A 271 -3.23 -11.64 5.18
N HIS A 272 -3.36 -10.76 6.16
CA HIS A 272 -2.34 -10.43 7.18
C HIS A 272 -3.01 -9.94 8.47
N ARG A 273 -2.26 -9.89 9.58
CA ARG A 273 -2.74 -9.34 10.87
C ARG A 273 -1.56 -8.75 11.62
N VAL A 274 -1.81 -8.09 12.73
CA VAL A 274 -0.73 -7.47 13.56
C VAL A 274 -0.87 -7.98 14.99
N HIS A 275 0.16 -8.65 15.54
CA HIS A 275 0.29 -9.01 16.98
C HIS A 275 1.38 -8.10 17.56
N THR A 276 1.23 -7.71 18.83
CA THR A 276 2.18 -6.75 19.42
C THR A 276 2.39 -7.09 20.88
N LYS A 277 3.55 -6.71 21.42
CA LYS A 277 3.84 -6.92 22.85
C LYS A 277 4.15 -5.55 23.44
N PRO A 278 3.47 -5.11 24.52
CA PRO A 278 3.78 -3.85 25.16
C PRO A 278 5.29 -3.59 25.29
N ARG A 285 4.94 3.50 18.16
CA ARG A 285 4.47 2.40 17.26
C ARG A 285 3.78 2.99 16.02
N LEU A 286 4.41 2.84 14.87
CA LEU A 286 4.00 3.52 13.62
C LEU A 286 4.18 2.57 12.45
N SER A 287 3.55 2.92 11.35
CA SER A 287 3.46 2.06 10.15
C SER A 287 2.92 2.90 9.00
N SER A 288 3.22 2.51 7.77
CA SER A 288 2.68 3.16 6.57
C SER A 288 2.63 2.16 5.41
N VAL A 289 1.64 2.32 4.53
CA VAL A 289 1.35 1.35 3.45
C VAL A 289 0.70 2.15 2.33
N LEU A 290 1.03 1.85 1.09
CA LEU A 290 0.43 2.52 -0.07
C LEU A 290 -0.70 1.65 -0.61
N PHE A 291 -1.90 2.20 -0.77
CA PHE A 291 -3.07 1.47 -1.29
C PHE A 291 -3.33 1.96 -2.70
N ALA A 292 -2.97 1.16 -3.71
CA ALA A 292 -3.11 1.50 -5.15
C ALA A 292 -4.50 1.09 -5.66
N TYR A 293 -5.26 2.08 -6.13
CA TYR A 293 -6.59 1.88 -6.73
C TYR A 293 -6.52 2.24 -8.20
N PRO A 294 -7.37 1.60 -9.03
CA PRO A 294 -7.59 2.04 -10.40
C PRO A 294 -8.55 3.24 -10.30
N GLN A 295 -8.81 3.91 -11.41
CA GLN A 295 -9.82 5.01 -11.45
C GLN A 295 -11.19 4.48 -11.07
N HIS A 296 -11.89 5.19 -10.19
CA HIS A 296 -13.22 4.79 -9.63
C HIS A 296 -14.22 4.63 -10.76
N LYS A 297 -14.15 5.46 -11.81
CA LYS A 297 -15.20 5.53 -12.86
C LYS A 297 -15.00 4.44 -13.93
N ALA A 298 -13.80 3.84 -14.03
CA ALA A 298 -13.46 2.79 -15.02
C ALA A 298 -14.27 1.50 -14.76
N ARG A 299 -14.54 0.73 -15.82
CA ARG A 299 -15.41 -0.48 -15.79
C ARG A 299 -14.57 -1.60 -15.20
N GLN A 300 -15.16 -2.44 -14.36
CA GLN A 300 -14.49 -3.64 -13.81
C GLN A 300 -14.21 -4.59 -14.97
N TRP A 301 -13.35 -5.55 -14.75
CA TRP A 301 -13.03 -6.59 -15.75
C TRP A 301 -12.54 -7.85 -15.03
N LYS A 302 -12.74 -9.00 -15.67
CA LYS A 302 -12.26 -10.32 -15.18
C LYS A 302 -11.61 -11.05 -16.34
N MET A 303 -10.58 -11.83 -16.04
CA MET A 303 -10.05 -12.89 -16.92
C MET A 303 -10.59 -14.22 -16.39
N VAL A 304 -11.68 -14.69 -16.99
CA VAL A 304 -12.38 -15.96 -16.64
C VAL A 304 -11.90 -17.02 -17.64
N ASP A 305 -11.19 -18.05 -17.17
CA ASP A 305 -10.73 -19.18 -18.01
C ASP A 305 -10.15 -18.64 -19.33
N GLY A 306 -9.31 -17.59 -19.28
CA GLY A 306 -8.54 -17.07 -20.43
C GLY A 306 -9.29 -16.01 -21.24
N GLU A 307 -10.54 -15.67 -20.90
CA GLU A 307 -11.40 -14.72 -21.65
C GLU A 307 -11.61 -13.45 -20.82
N LEU A 308 -11.41 -12.29 -21.46
CA LEU A 308 -11.58 -10.94 -20.88
C LEU A 308 -13.07 -10.56 -20.90
N MET A 309 -13.64 -10.16 -19.76
CA MET A 309 -15.08 -9.77 -19.66
C MET A 309 -15.22 -8.38 -19.05
N SER A 310 -15.37 -7.36 -19.88
CA SER A 310 -15.85 -6.02 -19.45
C SER A 310 -17.18 -6.23 -18.71
N LEU A 311 -17.27 -5.79 -17.45
CA LEU A 311 -18.51 -5.84 -16.62
C LEU A 311 -19.18 -4.48 -16.70
N ASN A 312 -20.40 -4.40 -16.17
CA ASN A 312 -21.22 -3.16 -16.17
C ASN A 312 -20.71 -2.22 -15.07
N ALA A 313 -20.52 -2.77 -13.87
CA ALA A 313 -20.13 -2.02 -12.66
C ALA A 313 -18.72 -1.41 -12.83
N THR A 314 -18.52 -0.24 -12.24
CA THR A 314 -17.23 0.48 -12.18
C THR A 314 -16.43 -0.04 -10.97
N TRP A 315 -15.15 0.29 -10.89
CA TRP A 315 -14.33 -0.06 -9.70
C TRP A 315 -14.89 0.69 -8.48
N GLY A 316 -15.43 1.90 -8.71
CA GLY A 316 -16.23 2.66 -7.73
C GLY A 316 -17.27 1.77 -7.06
N ASP A 317 -18.10 1.10 -7.88
CA ASP A 317 -19.15 0.17 -7.40
C ASP A 317 -18.50 -0.97 -6.61
N PHE A 318 -17.32 -1.44 -7.01
CA PHE A 318 -16.64 -2.53 -6.27
C PHE A 318 -16.51 -2.15 -4.79
N ILE A 319 -16.00 -0.96 -4.51
CA ILE A 319 -15.82 -0.47 -3.11
C ILE A 319 -17.16 -0.40 -2.37
N ASP A 320 -18.18 0.25 -2.95
CA ASP A 320 -19.53 0.40 -2.32
C ASP A 320 -20.20 -0.99 -2.23
N SER A 321 -20.06 -1.69 -1.10
CA SER A 321 -20.60 -3.05 -0.85
C SER A 321 -21.98 -2.94 -0.17
#